data_9UE2
#
_entry.id   9UE2
#
_cell.length_a   41.846
_cell.length_b   79.387
_cell.length_c   84.884
_cell.angle_alpha   90.0
_cell.angle_beta   103.691
_cell.angle_gamma   90.0
#
_symmetry.space_group_name_H-M   'P 1 21 1'
#
loop_
_entity.id
_entity.type
_entity.pdbx_description
1 polymer 'Fluoroacetate dehalogenase'
2 non-polymer '3-[4-(trifluoromethyl)phenyl]propanoic acid'
3 water water
#
_entity_poly.entity_id   1
_entity_poly.type   'polypeptide(L)'
_entity_poly.pdbx_seq_one_letter_code
;MPDLADLFPGFGSEWINTSSGRIFARVGGDGPPLLLLHGFPQTHVMWHRVAPKLAERFKVIVADLPGYGWSDMPESDEQH
TPYTKRAMAKQLIEAMEQLGHVHFALAGHDRGARVSYRLALDSPGRLSKLAVLDILPTYEYWQRMNRAYALKIYHWSFLA
QPAPLPENLLGGDPDFYVKASLASGTRAGDLSAFDPRAVEHYRIAFADPMRRHVMCEDYRAGAYADFEHDKIDVEAGNKI
PVPMLALWGASGIAQSAATPLDVWRKWASDVQGAPIESGAFLPEEAPDQTAEALVRFFSAAP
;
_entity_poly.pdbx_strand_id   A,B
#
loop_
_chem_comp.id
_chem_comp.type
_chem_comp.name
_chem_comp.formula
A1ES3 non-polymer '3-[4-(trifluoromethyl)phenyl]propanoic acid' 'C10 H9 F3 O2'
#
# COMPACT_ATOMS: atom_id res chain seq x y z
N ASP A 3 24.47 3.31 -23.98
CA ASP A 3 25.38 2.71 -23.00
C ASP A 3 25.18 3.33 -21.62
N LEU A 4 25.62 2.63 -20.58
CA LEU A 4 25.56 3.18 -19.22
C LEU A 4 26.85 3.94 -18.90
N ALA A 5 26.69 5.21 -18.54
CA ALA A 5 27.82 6.07 -18.28
C ALA A 5 28.65 5.64 -17.09
N ASP A 6 29.95 5.86 -17.18
CA ASP A 6 30.82 5.77 -16.04
C ASP A 6 30.72 7.08 -15.28
N LEU A 7 30.08 7.04 -14.12
CA LEU A 7 29.91 8.24 -13.29
C LEU A 7 30.92 8.37 -12.17
N PHE A 8 31.96 7.55 -12.19
CA PHE A 8 32.98 7.62 -11.17
C PHE A 8 34.30 7.60 -11.91
N PRO A 9 34.53 8.63 -12.73
CA PRO A 9 35.64 8.60 -13.69
C PRO A 9 36.91 8.42 -12.89
N GLY A 10 37.77 7.47 -13.26
CA GLY A 10 38.96 7.17 -12.47
C GLY A 10 38.84 6.08 -11.39
N PHE A 11 37.62 5.72 -10.98
CA PHE A 11 37.45 4.67 -9.96
C PHE A 11 37.64 3.33 -10.63
N GLY A 12 38.19 2.39 -9.89
CA GLY A 12 38.22 1.02 -10.34
C GLY A 12 36.91 0.32 -10.05
N SER A 13 36.90 -0.97 -10.30
CA SER A 13 35.74 -1.78 -10.03
C SER A 13 36.17 -3.11 -9.47
N GLU A 14 35.29 -3.71 -8.70
CA GLU A 14 35.52 -5.06 -8.17
C GLU A 14 34.21 -5.81 -8.25
N TRP A 15 34.30 -7.12 -8.45
CA TRP A 15 33.13 -7.96 -8.46
C TRP A 15 33.47 -9.06 -7.45
N ILE A 16 33.05 -8.89 -6.20
CA ILE A 16 33.59 -9.54 -5.02
C ILE A 16 32.77 -10.79 -4.62
N ASN A 17 33.37 -11.96 -4.64
CA ASN A 17 32.64 -13.17 -4.27
C ASN A 17 32.34 -13.19 -2.78
N THR A 18 31.15 -13.68 -2.44
CA THR A 18 30.81 -13.98 -1.05
C THR A 18 30.02 -15.28 -1.09
N SER A 19 29.74 -15.83 0.07
CA SER A 19 28.95 -17.05 0.16
C SER A 19 27.51 -16.91 -0.39
N SER A 20 27.00 -15.68 -0.50
CA SER A 20 25.67 -15.44 -1.04
C SER A 20 25.62 -14.83 -2.44
N GLY A 21 26.79 -14.68 -3.07
CA GLY A 21 26.87 -14.15 -4.41
C GLY A 21 27.76 -12.91 -4.49
N ARG A 22 28.04 -12.49 -5.71
CA ARG A 22 29.00 -11.40 -5.89
C ARG A 22 28.41 -10.03 -5.52
N ILE A 23 29.24 -9.18 -4.96
CA ILE A 23 28.92 -7.78 -4.73
C ILE A 23 29.70 -6.95 -5.73
N PHE A 24 29.00 -6.15 -6.53
CA PHE A 24 29.71 -5.24 -7.42
C PHE A 24 30.01 -3.93 -6.69
N ALA A 25 31.22 -3.40 -6.90
CA ALA A 25 31.52 -2.08 -6.32
C ALA A 25 32.44 -1.29 -7.21
N ARG A 26 32.31 0.02 -7.11
CA ARG A 26 33.34 0.93 -7.60
C ARG A 26 34.24 1.28 -6.43
N VAL A 27 35.53 1.40 -6.69
CA VAL A 27 36.47 1.63 -5.63
C VAL A 27 37.41 2.78 -6.02
N GLY A 28 37.61 3.73 -5.11
CA GLY A 28 38.44 4.88 -5.41
C GLY A 28 39.10 5.42 -4.15
N GLY A 29 40.08 6.27 -4.36
CA GLY A 29 40.72 6.97 -3.27
C GLY A 29 41.76 6.15 -2.52
N ASP A 30 42.05 6.61 -1.31
CA ASP A 30 43.06 6.03 -0.45
C ASP A 30 42.88 6.64 0.91
N GLY A 31 43.27 5.90 1.93
CA GLY A 31 43.02 6.32 3.29
C GLY A 31 42.19 5.29 4.02
N PRO A 32 41.53 5.70 5.13
CA PRO A 32 40.67 4.78 5.89
C PRO A 32 39.52 4.29 5.01
N PRO A 33 39.13 3.04 5.22
CA PRO A 33 38.10 2.46 4.32
C PRO A 33 36.69 2.88 4.70
N LEU A 34 35.94 3.22 3.67
CA LEU A 34 34.58 3.76 3.82
C LEU A 34 33.68 3.06 2.79
N LEU A 35 32.70 2.31 3.29
CA LEU A 35 31.70 1.63 2.45
C LEU A 35 30.46 2.51 2.35
N LEU A 36 29.98 2.65 1.12
CA LEU A 36 28.76 3.44 0.84
C LEU A 36 27.67 2.54 0.25
N LEU A 37 26.48 2.57 0.84
CA LEU A 37 25.37 1.65 0.43
C LEU A 37 24.14 2.45 0.04
N HIS A 38 23.69 2.22 -1.19
CA HIS A 38 22.50 2.88 -1.78
C HIS A 38 21.20 2.23 -1.32
N GLY A 39 20.09 2.79 -1.81
CA GLY A 39 18.78 2.23 -1.50
C GLY A 39 17.93 2.09 -2.73
N PHE A 40 16.63 2.19 -2.50
CA PHE A 40 15.57 1.90 -3.53
C PHE A 40 14.99 3.17 -4.13
N PRO A 41 14.73 3.21 -5.45
CA PRO A 41 14.97 2.20 -6.47
C PRO A 41 16.24 2.60 -7.22
N GLN A 42 17.37 2.54 -6.53
CA GLN A 42 18.61 3.04 -7.08
C GLN A 42 19.68 1.98 -7.08
N THR A 43 20.91 2.39 -7.37
CA THR A 43 22.07 1.48 -7.37
C THR A 43 23.21 2.30 -6.83
N HIS A 44 24.41 1.72 -6.87
CA HIS A 44 25.59 2.43 -6.33
C HIS A 44 25.82 3.77 -6.94
N VAL A 45 25.33 3.99 -8.16
CA VAL A 45 25.60 5.27 -8.82
C VAL A 45 25.00 6.49 -8.11
N MET A 46 24.06 6.31 -7.17
CA MET A 46 23.52 7.48 -6.49
C MET A 46 24.57 8.20 -5.66
N TRP A 47 25.74 7.59 -5.41
CA TRP A 47 26.81 8.29 -4.71
C TRP A 47 27.74 9.06 -5.65
N HIS A 48 27.44 9.18 -6.92
CA HIS A 48 28.43 9.71 -7.87
C HIS A 48 28.76 11.17 -7.62
N ARG A 49 27.90 11.94 -6.98
CA ARG A 49 28.18 13.34 -6.74
CA ARG A 49 28.24 13.33 -6.77
C ARG A 49 28.96 13.56 -5.45
N VAL A 50 29.03 12.57 -4.59
CA VAL A 50 29.71 12.68 -3.31
C VAL A 50 30.97 11.80 -3.18
N ALA A 51 30.96 10.63 -3.83
CA ALA A 51 32.09 9.71 -3.70
C ALA A 51 33.42 10.30 -4.13
N PRO A 52 33.47 11.05 -5.24
CA PRO A 52 34.79 11.62 -5.59
C PRO A 52 35.36 12.56 -4.52
N LYS A 53 34.51 13.38 -3.91
CA LYS A 53 34.93 14.20 -2.78
C LYS A 53 35.41 13.36 -1.60
N LEU A 54 34.67 12.32 -1.23
CA LEU A 54 35.09 11.42 -0.17
C LEU A 54 36.41 10.73 -0.50
N ALA A 55 36.63 10.43 -1.78
CA ALA A 55 37.86 9.72 -2.18
C ALA A 55 39.12 10.58 -2.02
N GLU A 56 38.98 11.90 -1.79
CA GLU A 56 40.13 12.74 -1.44
C GLU A 56 40.66 12.43 -0.05
N ARG A 57 39.89 11.72 0.74
CA ARG A 57 40.24 11.50 2.13
C ARG A 57 40.19 10.01 2.54
N PHE A 58 39.40 9.19 1.81
CA PHE A 58 39.15 7.81 2.20
C PHE A 58 39.34 6.87 1.04
N LYS A 59 39.56 5.59 1.36
CA LYS A 59 39.39 4.53 0.38
C LYS A 59 37.89 4.23 0.32
N VAL A 60 37.28 4.62 -0.80
CA VAL A 60 35.80 4.55 -0.91
C VAL A 60 35.38 3.33 -1.70
N ILE A 61 34.47 2.54 -1.13
CA ILE A 61 33.94 1.31 -1.72
C ILE A 61 32.44 1.59 -1.92
N VAL A 62 32.04 1.72 -3.20
CA VAL A 62 30.65 2.11 -3.53
C VAL A 62 29.95 0.86 -4.04
N ALA A 63 29.15 0.19 -3.19
CA ALA A 63 28.71 -1.19 -3.51
C ALA A 63 27.23 -1.23 -3.89
N ASP A 64 26.92 -2.10 -4.85
CA ASP A 64 25.51 -2.45 -5.10
C ASP A 64 25.06 -3.45 -3.98
N LEU A 65 23.90 -3.18 -3.38
CA LEU A 65 23.37 -4.11 -2.36
C LEU A 65 23.17 -5.51 -2.96
N PRO A 66 23.16 -6.55 -2.13
CA PRO A 66 22.81 -7.89 -2.60
C PRO A 66 21.50 -7.80 -3.40
N GLY A 67 21.53 -8.38 -4.62
CA GLY A 67 20.35 -8.38 -5.48
C GLY A 67 20.09 -7.13 -6.28
N TYR A 68 20.87 -6.05 -6.06
CA TYR A 68 20.66 -4.78 -6.77
C TYR A 68 21.78 -4.52 -7.76
N GLY A 69 21.48 -3.73 -8.79
CA GLY A 69 22.53 -3.25 -9.67
C GLY A 69 23.18 -4.40 -10.41
N TRP A 70 24.50 -4.57 -10.22
CA TRP A 70 25.24 -5.66 -10.84
C TRP A 70 25.62 -6.70 -9.85
N SER A 71 25.18 -6.57 -8.60
CA SER A 71 25.42 -7.64 -7.63
C SER A 71 24.57 -8.86 -8.01
N ASP A 72 25.00 -10.08 -7.66
CA ASP A 72 24.18 -11.26 -7.92
C ASP A 72 22.88 -11.21 -7.10
N MET A 73 21.91 -11.95 -7.61
CA MET A 73 20.59 -12.09 -6.98
C MET A 73 20.42 -13.50 -6.42
N PRO A 74 20.78 -13.71 -5.16
CA PRO A 74 20.46 -15.02 -4.55
C PRO A 74 19.00 -15.36 -4.60
N GLU A 75 18.68 -16.64 -4.71
CA GLU A 75 17.31 -17.08 -4.74
C GLU A 75 16.70 -16.85 -3.33
N SER A 76 15.52 -16.27 -3.32
CA SER A 76 14.89 -15.94 -2.04
C SER A 76 14.12 -17.15 -1.50
N ASP A 77 13.40 -16.96 -0.39
CA ASP A 77 12.63 -18.06 0.22
C ASP A 77 11.42 -17.44 0.88
N GLU A 78 10.60 -18.25 1.57
CA GLU A 78 9.34 -17.75 2.11
C GLU A 78 9.51 -16.74 3.21
N GLN A 79 10.71 -16.70 3.81
CA GLN A 79 11.03 -15.66 4.80
C GLN A 79 11.84 -14.52 4.22
N HIS A 80 12.02 -14.53 2.91
CA HIS A 80 12.76 -13.42 2.21
C HIS A 80 14.18 -13.31 2.73
N THR A 81 14.78 -14.42 3.15
CA THR A 81 15.99 -14.37 3.95
C THR A 81 17.16 -13.59 3.34
N PRO A 82 17.52 -13.82 2.07
CA PRO A 82 18.73 -13.13 1.59
C PRO A 82 18.55 -11.61 1.47
N TYR A 83 17.29 -11.14 1.52
CA TYR A 83 17.02 -9.71 1.34
C TYR A 83 16.65 -9.03 2.63
N THR A 84 16.68 -9.80 3.72
CA THR A 84 16.66 -9.19 5.07
C THR A 84 17.90 -8.36 5.29
N LYS A 85 17.80 -7.31 6.08
CA LYS A 85 18.96 -6.48 6.34
C LYS A 85 20.01 -7.26 7.14
N ARG A 86 19.59 -8.17 8.01
CA ARG A 86 20.56 -9.01 8.71
C ARG A 86 21.40 -9.83 7.74
N ALA A 87 20.77 -10.43 6.73
CA ALA A 87 21.55 -11.26 5.77
C ALA A 87 22.39 -10.35 4.88
N MET A 88 21.84 -9.23 4.45
CA MET A 88 22.61 -8.36 3.57
C MET A 88 23.85 -7.84 4.30
N ALA A 89 23.69 -7.51 5.58
CA ALA A 89 24.83 -7.06 6.35
C ALA A 89 25.89 -8.14 6.48
N LYS A 90 25.48 -9.38 6.72
CA LYS A 90 26.45 -10.46 6.80
C LYS A 90 27.19 -10.59 5.49
N GLN A 91 26.46 -10.47 4.39
CA GLN A 91 27.06 -10.63 3.08
C GLN A 91 28.07 -9.50 2.81
N LEU A 92 27.71 -8.28 3.16
CA LEU A 92 28.61 -7.15 2.92
C LEU A 92 29.82 -7.22 3.85
N ILE A 93 29.68 -7.75 5.08
CA ILE A 93 30.83 -8.00 5.96
C ILE A 93 31.75 -8.97 5.21
N GLU A 94 31.24 -10.06 4.60
CA GLU A 94 32.12 -10.99 3.88
C GLU A 94 32.81 -10.28 2.74
N ALA A 95 32.11 -9.43 2.00
CA ALA A 95 32.72 -8.75 0.87
C ALA A 95 33.85 -7.86 1.34
N MET A 96 33.64 -7.15 2.44
CA MET A 96 34.65 -6.21 2.94
C MET A 96 35.87 -7.05 3.40
N GLU A 97 35.65 -8.21 4.00
CA GLU A 97 36.77 -9.05 4.44
C GLU A 97 37.58 -9.56 3.27
N GLN A 98 36.98 -9.73 2.13
CA GLN A 98 37.71 -10.15 0.93
C GLN A 98 38.66 -9.07 0.48
N LEU A 99 38.39 -7.82 0.83
CA LEU A 99 39.30 -6.69 0.54
C LEU A 99 40.29 -6.43 1.68
N GLY A 100 40.19 -7.22 2.74
CA GLY A 100 41.02 -7.03 3.91
C GLY A 100 40.46 -6.00 4.86
N HIS A 101 39.18 -5.64 4.75
CA HIS A 101 38.59 -4.65 5.67
C HIS A 101 37.77 -5.33 6.71
N VAL A 102 38.24 -5.42 7.94
CA VAL A 102 37.50 -6.02 9.03
C VAL A 102 36.97 -4.98 10.02
N HIS A 103 37.30 -3.71 9.80
CA HIS A 103 36.85 -2.65 10.68
C HIS A 103 36.85 -1.47 9.74
N PHE A 104 35.69 -0.83 9.55
CA PHE A 104 35.56 0.17 8.52
C PHE A 104 34.46 1.18 8.86
N ALA A 105 34.46 2.30 8.14
CA ALA A 105 33.38 3.29 8.25
C ALA A 105 32.29 2.97 7.25
N LEU A 106 31.05 3.37 7.57
CA LEU A 106 29.92 2.95 6.74
C LEU A 106 28.90 4.05 6.66
N ALA A 107 28.47 4.40 5.44
CA ALA A 107 27.34 5.33 5.26
C ALA A 107 26.33 4.65 4.36
N GLY A 108 25.05 4.70 4.75
CA GLY A 108 24.01 4.09 3.93
C GLY A 108 22.88 5.09 3.77
N HIS A 109 22.14 4.88 2.67
CA HIS A 109 20.98 5.69 2.31
C HIS A 109 19.79 4.78 2.06
N ASP A 110 18.65 5.11 2.66
CA ASP A 110 17.40 4.35 2.40
C ASP A 110 17.65 2.87 2.70
N ARG A 111 17.38 1.91 1.80
CA ARG A 111 17.54 0.49 2.24
C ARG A 111 18.99 0.21 2.74
N GLY A 112 19.97 0.85 2.10
CA GLY A 112 21.37 0.69 2.46
C GLY A 112 21.63 1.21 3.87
N ALA A 113 20.91 2.25 4.31
CA ALA A 113 21.02 2.70 5.69
C ALA A 113 20.41 1.68 6.65
N ARG A 114 19.41 0.94 6.17
CA ARG A 114 18.80 -0.11 7.03
C ARG A 114 19.77 -1.28 7.17
N VAL A 115 20.43 -1.68 6.09
CA VAL A 115 21.53 -2.67 6.18
C VAL A 115 22.54 -2.14 7.19
N SER A 116 22.85 -0.86 7.12
CA SER A 116 23.92 -0.30 7.94
C SER A 116 23.61 -0.33 9.42
N TYR A 117 22.40 0.12 9.84
CA TYR A 117 22.16 0.10 11.28
C TYR A 117 21.97 -1.32 11.78
N ARG A 118 21.42 -2.20 10.92
CA ARG A 118 21.32 -3.61 11.35
C ARG A 118 22.74 -4.19 11.52
N LEU A 119 23.65 -3.85 10.62
CA LEU A 119 25.05 -4.29 10.73
C LEU A 119 25.60 -3.82 12.07
N ALA A 120 25.31 -2.56 12.43
CA ALA A 120 25.79 -2.01 13.70
C ALA A 120 25.20 -2.73 14.91
N LEU A 121 23.93 -3.13 14.81
CA LEU A 121 23.29 -3.84 15.94
C LEU A 121 23.86 -5.26 16.07
N ASP A 122 24.06 -5.94 14.95
CA ASP A 122 24.47 -7.35 14.97
C ASP A 122 25.96 -7.52 15.14
N SER A 123 26.75 -6.59 14.57
CA SER A 123 28.21 -6.78 14.52
C SER A 123 28.92 -5.43 14.70
N PRO A 124 28.71 -4.80 15.86
CA PRO A 124 29.24 -3.43 16.06
C PRO A 124 30.76 -3.37 15.95
N GLY A 125 31.46 -4.44 16.25
CA GLY A 125 32.92 -4.42 16.14
C GLY A 125 33.44 -4.19 14.74
N ARG A 126 32.58 -4.40 13.74
CA ARG A 126 32.96 -4.18 12.34
C ARG A 126 33.10 -2.72 11.95
N LEU A 127 32.50 -1.84 12.74
CA LEU A 127 32.38 -0.43 12.35
C LEU A 127 33.11 0.53 13.25
N SER A 128 33.86 1.42 12.65
CA SER A 128 34.42 2.56 13.40
C SER A 128 33.37 3.63 13.67
N LYS A 129 32.62 3.99 12.64
CA LYS A 129 31.56 5.01 12.69
C LYS A 129 30.54 4.65 11.63
N LEU A 130 29.34 5.19 11.82
CA LEU A 130 28.18 4.85 10.99
C LEU A 130 27.39 6.09 10.66
N ALA A 131 27.02 6.27 9.39
CA ALA A 131 26.07 7.35 9.02
C ALA A 131 24.89 6.71 8.35
N VAL A 132 23.71 7.18 8.79
CA VAL A 132 22.43 6.78 8.15
C VAL A 132 21.80 8.01 7.51
N LEU A 133 21.35 7.87 6.26
CA LEU A 133 20.79 8.99 5.53
C LEU A 133 19.35 8.70 5.14
N ASP A 134 18.53 9.68 5.49
N ASP A 134 18.50 9.66 5.46
CA ASP A 134 17.09 9.76 5.21
CA ASP A 134 17.09 9.69 5.01
C ASP A 134 16.28 8.52 5.57
C ASP A 134 16.14 8.67 5.68
N ILE A 135 16.55 8.06 6.79
CA ILE A 135 15.73 6.96 7.41
C ILE A 135 15.52 7.12 8.89
N LEU A 136 14.47 6.44 9.35
CA LEU A 136 14.30 5.98 10.71
C LEU A 136 14.44 4.48 10.69
N PRO A 137 14.66 3.85 11.87
CA PRO A 137 14.62 2.38 11.86
C PRO A 137 13.29 1.86 11.31
N THR A 138 13.34 0.71 10.65
CA THR A 138 12.15 0.02 10.18
C THR A 138 11.08 -0.18 11.24
N TYR A 139 11.45 -0.56 12.45
CA TYR A 139 10.48 -0.63 13.55
C TYR A 139 9.73 0.70 13.74
N GLU A 140 10.45 1.82 13.70
CA GLU A 140 9.83 3.13 13.95
C GLU A 140 8.86 3.51 12.83
N TYR A 141 9.17 3.21 11.59
CA TYR A 141 8.26 3.47 10.47
C TYR A 141 6.97 2.69 10.72
N TRP A 142 7.06 1.40 11.06
CA TRP A 142 5.84 0.62 11.25
C TRP A 142 5.05 1.03 12.50
N GLN A 143 5.74 1.32 13.60
CA GLN A 143 5.02 1.81 14.80
C GLN A 143 4.26 3.11 14.60
N ARG A 144 4.69 3.91 13.64
CA ARG A 144 4.08 5.23 13.29
C ARG A 144 2.97 5.07 12.26
N MET A 145 2.65 3.82 11.94
CA MET A 145 1.64 3.59 10.98
C MET A 145 0.28 4.03 11.55
N ASN A 146 -0.33 4.92 10.82
CA ASN A 146 -1.69 5.37 11.06
C ASN A 146 -2.18 5.83 9.69
N ARG A 147 -3.38 6.44 9.66
CA ARG A 147 -3.99 6.80 8.40
C ARG A 147 -3.06 7.73 7.60
N ALA A 148 -2.64 8.82 8.23
CA ALA A 148 -1.83 9.81 7.51
C ALA A 148 -0.52 9.23 6.96
N TYR A 149 0.16 8.39 7.75
CA TYR A 149 1.43 7.84 7.33
C TYR A 149 1.20 6.83 6.23
N ALA A 150 0.12 6.03 6.35
CA ALA A 150 -0.17 5.00 5.36
C ALA A 150 -0.43 5.62 4.00
N LEU A 151 -1.11 6.77 3.98
CA LEU A 151 -1.35 7.47 2.73
C LEU A 151 -0.12 8.16 2.20
N LYS A 152 0.76 8.58 3.12
CA LYS A 152 1.95 9.29 2.70
C LYS A 152 3.02 8.38 2.12
N ILE A 153 3.28 7.24 2.74
CA ILE A 153 4.32 6.33 2.28
C ILE A 153 3.71 4.94 2.03
N TYR A 154 2.95 4.84 0.94
CA TYR A 154 2.20 3.62 0.63
C TYR A 154 3.04 2.42 0.19
N HIS A 155 4.26 2.71 -0.29
CA HIS A 155 5.07 1.73 -1.00
C HIS A 155 5.41 0.53 -0.12
N TRP A 156 5.56 0.74 1.19
CA TRP A 156 5.97 -0.33 2.08
C TRP A 156 4.94 -1.44 2.08
N SER A 157 3.67 -1.08 2.15
CA SER A 157 2.65 -2.09 2.20
C SER A 157 2.28 -2.62 0.86
N PHE A 158 2.43 -1.82 -0.17
CA PHE A 158 2.13 -2.27 -1.51
C PHE A 158 3.17 -3.31 -1.99
N LEU A 159 4.47 -2.98 -1.91
CA LEU A 159 5.51 -3.87 -2.41
C LEU A 159 5.66 -5.12 -1.58
N ALA A 160 5.17 -5.08 -0.34
CA ALA A 160 5.18 -6.26 0.52
C ALA A 160 4.03 -7.23 0.31
N GLN A 161 3.09 -6.89 -0.58
CA GLN A 161 2.03 -7.89 -0.87
C GLN A 161 2.61 -9.18 -1.42
N PRO A 162 1.94 -10.33 -1.22
CA PRO A 162 2.48 -11.58 -1.74
C PRO A 162 2.73 -11.56 -3.23
N ALA A 163 3.89 -12.10 -3.61
CA ALA A 163 4.20 -12.31 -5.00
C ALA A 163 3.11 -13.22 -5.60
N PRO A 164 2.80 -13.01 -6.87
CA PRO A 164 3.45 -12.09 -7.80
C PRO A 164 2.68 -10.79 -8.03
N LEU A 165 1.85 -10.40 -7.05
CA LEU A 165 0.97 -9.28 -7.31
C LEU A 165 1.69 -7.95 -7.58
N PRO A 166 2.60 -7.50 -6.68
CA PRO A 166 3.31 -6.27 -7.06
C PRO A 166 4.17 -6.41 -8.31
N GLU A 167 4.80 -7.57 -8.49
CA GLU A 167 5.62 -7.80 -9.67
C GLU A 167 4.78 -7.67 -10.92
N ASN A 168 3.58 -8.24 -10.88
CA ASN A 168 2.73 -8.17 -12.06
C ASN A 168 2.29 -6.75 -12.37
N LEU A 169 2.00 -5.98 -11.32
CA LEU A 169 1.61 -4.59 -11.52
C LEU A 169 2.76 -3.76 -12.06
N LEU A 170 3.96 -3.95 -11.52
CA LEU A 170 5.13 -3.17 -11.93
C LEU A 170 5.60 -3.52 -13.35
N GLY A 171 5.27 -4.72 -13.81
CA GLY A 171 5.79 -5.19 -15.10
C GLY A 171 5.16 -4.58 -16.36
N GLY A 172 4.01 -3.92 -16.24
CA GLY A 172 3.30 -3.44 -17.41
C GLY A 172 4.00 -2.22 -18.00
N ASP A 173 4.54 -1.39 -17.14
CA ASP A 173 5.13 -0.13 -17.59
C ASP A 173 6.18 0.23 -16.54
N PRO A 174 7.28 -0.53 -16.49
CA PRO A 174 8.22 -0.27 -15.39
C PRO A 174 8.91 1.09 -15.48
N ASP A 175 9.16 1.63 -16.68
CA ASP A 175 9.83 2.92 -16.76
C ASP A 175 8.92 3.95 -16.09
N PHE A 176 7.61 3.88 -16.33
CA PHE A 176 6.75 4.89 -15.71
C PHE A 176 6.87 4.88 -14.19
N TYR A 177 6.86 3.70 -13.56
CA TYR A 177 6.85 3.61 -12.12
C TYR A 177 8.18 4.09 -11.56
N VAL A 178 9.31 3.70 -12.17
CA VAL A 178 10.57 4.06 -11.52
C VAL A 178 10.79 5.58 -11.65
N LYS A 179 10.44 6.15 -12.80
CA LYS A 179 10.62 7.60 -12.96
C LYS A 179 9.66 8.39 -12.09
N ALA A 180 8.42 7.93 -11.97
CA ALA A 180 7.47 8.66 -11.14
C ALA A 180 7.91 8.57 -9.69
N SER A 181 8.40 7.39 -9.29
CA SER A 181 8.83 7.19 -7.92
C SER A 181 10.02 8.11 -7.58
N LEU A 182 11.06 8.08 -8.43
CA LEU A 182 12.22 8.94 -8.22
C LEU A 182 11.78 10.39 -8.09
N ALA A 183 10.97 10.86 -9.04
CA ALA A 183 10.59 12.28 -9.01
C ALA A 183 9.84 12.58 -7.71
N SER A 184 8.99 11.67 -7.28
CA SER A 184 8.10 11.90 -6.15
C SER A 184 8.89 12.14 -4.84
N GLY A 185 10.10 11.61 -4.76
CA GLY A 185 10.85 11.79 -3.53
C GLY A 185 11.63 13.07 -3.44
N THR A 186 11.84 13.74 -4.55
CA THR A 186 12.72 14.93 -4.53
C THR A 186 11.98 16.15 -3.98
N ARG A 187 12.73 17.17 -3.59
CA ARG A 187 12.15 18.38 -3.00
C ARG A 187 11.15 18.96 -4.00
N ALA A 188 11.51 19.06 -5.29
CA ALA A 188 10.63 19.73 -6.28
C ALA A 188 9.59 18.81 -6.89
N GLY A 189 9.76 17.50 -6.75
CA GLY A 189 8.80 16.56 -7.31
C GLY A 189 8.98 16.22 -8.79
N ASP A 190 10.14 16.51 -9.34
CA ASP A 190 10.41 16.20 -10.73
C ASP A 190 11.76 15.48 -10.76
N LEU A 191 12.31 15.26 -11.95
CA LEU A 191 13.61 14.59 -12.05
C LEU A 191 14.82 15.53 -12.12
N SER A 192 14.59 16.83 -11.96
CA SER A 192 15.66 17.81 -12.19
C SER A 192 16.89 17.62 -11.29
N ALA A 193 16.71 17.06 -10.09
CA ALA A 193 17.82 16.90 -9.15
C ALA A 193 18.79 15.84 -9.60
N PHE A 194 18.36 14.94 -10.48
CA PHE A 194 19.21 13.81 -10.86
C PHE A 194 19.99 14.08 -12.12
N ASP A 195 21.20 13.55 -12.17
CA ASP A 195 21.91 13.49 -13.45
C ASP A 195 21.15 12.54 -14.35
N PRO A 196 20.81 12.93 -15.59
CA PRO A 196 20.04 12.02 -16.44
C PRO A 196 20.76 10.70 -16.70
N ARG A 197 22.09 10.69 -16.63
CA ARG A 197 22.84 9.44 -16.82
C ARG A 197 22.60 8.51 -15.62
N ALA A 198 22.46 9.09 -14.43
CA ALA A 198 22.12 8.28 -13.26
C ALA A 198 20.70 7.70 -13.37
N VAL A 199 19.72 8.51 -13.82
CA VAL A 199 18.38 8.02 -13.99
C VAL A 199 18.38 6.83 -14.93
N GLU A 200 19.21 6.89 -15.97
CA GLU A 200 19.26 5.78 -16.92
C GLU A 200 19.80 4.50 -16.25
N HIS A 201 20.82 4.59 -15.38
CA HIS A 201 21.22 3.41 -14.57
C HIS A 201 20.05 2.85 -13.77
N TYR A 202 19.28 3.71 -13.10
CA TYR A 202 18.15 3.24 -12.28
C TYR A 202 17.09 2.59 -13.17
N ARG A 203 16.83 3.22 -14.31
CA ARG A 203 15.81 2.70 -15.20
C ARG A 203 16.19 1.34 -15.77
N ILE A 204 17.44 1.19 -16.14
CA ILE A 204 17.89 -0.07 -16.74
C ILE A 204 17.83 -1.19 -15.69
N ALA A 205 18.23 -0.90 -14.47
CA ALA A 205 18.10 -1.90 -13.39
C ALA A 205 16.64 -2.27 -13.21
N PHE A 206 15.75 -1.29 -13.17
CA PHE A 206 14.35 -1.55 -12.90
C PHE A 206 13.67 -2.29 -14.05
N ALA A 207 14.29 -2.26 -15.23
CA ALA A 207 13.72 -2.89 -16.41
C ALA A 207 13.80 -4.42 -16.35
N ASP A 208 14.65 -4.93 -15.45
CA ASP A 208 14.82 -6.37 -15.38
C ASP A 208 13.80 -6.92 -14.35
N PRO A 209 12.93 -7.83 -14.76
CA PRO A 209 11.93 -8.38 -13.83
C PRO A 209 12.61 -9.05 -12.59
N MET A 210 13.78 -9.66 -12.77
CA MET A 210 14.43 -10.26 -11.61
C MET A 210 14.87 -9.23 -10.60
N ARG A 211 15.27 -8.07 -11.10
CA ARG A 211 15.69 -6.97 -10.21
C ARG A 211 14.48 -6.38 -9.50
N ARG A 212 13.35 -6.24 -10.21
CA ARG A 212 12.13 -5.79 -9.52
C ARG A 212 11.65 -6.78 -8.48
N HIS A 213 11.79 -8.08 -8.79
CA HIS A 213 11.44 -9.06 -7.78
C HIS A 213 12.26 -8.93 -6.52
N VAL A 214 13.57 -8.75 -6.64
CA VAL A 214 14.41 -8.49 -5.47
C VAL A 214 13.92 -7.26 -4.68
N MET A 215 13.56 -6.18 -5.36
CA MET A 215 13.08 -5.02 -4.63
C MET A 215 11.83 -5.36 -3.81
N CYS A 216 10.93 -6.18 -4.39
CA CYS A 216 9.75 -6.61 -3.63
C CYS A 216 10.14 -7.49 -2.48
N GLU A 217 11.08 -8.42 -2.68
CA GLU A 217 11.55 -9.24 -1.57
C GLU A 217 12.18 -8.40 -0.46
N ASP A 218 12.90 -7.32 -0.82
CA ASP A 218 13.51 -6.43 0.14
C ASP A 218 12.37 -5.77 0.97
N TYR A 219 11.31 -5.32 0.33
CA TYR A 219 10.16 -4.74 1.07
C TYR A 219 9.35 -5.78 1.83
N ARG A 220 9.31 -7.04 1.36
CA ARG A 220 8.67 -8.12 2.13
C ARG A 220 9.47 -8.40 3.41
N ALA A 221 10.83 -8.48 3.30
CA ALA A 221 11.65 -8.53 4.50
C ALA A 221 11.40 -7.33 5.39
N GLY A 222 11.24 -6.14 4.80
CA GLY A 222 11.00 -4.94 5.57
C GLY A 222 9.70 -4.97 6.38
N ALA A 223 8.71 -5.68 5.85
CA ALA A 223 7.42 -5.81 6.55
C ALA A 223 7.44 -6.89 7.63
N TYR A 224 8.32 -7.87 7.50
CA TYR A 224 8.28 -9.10 8.31
C TYR A 224 9.57 -9.27 9.08
N ALA A 225 10.55 -10.06 8.60
CA ALA A 225 11.70 -10.36 9.46
C ALA A 225 12.43 -9.09 9.89
N ASP A 226 12.63 -8.10 9.01
CA ASP A 226 13.38 -6.91 9.43
C ASP A 226 12.71 -6.20 10.62
N PHE A 227 11.38 -6.12 10.55
CA PHE A 227 10.59 -5.55 11.60
C PHE A 227 10.77 -6.33 12.88
N GLU A 228 10.70 -7.66 12.79
CA GLU A 228 10.90 -8.52 13.96
C GLU A 228 12.28 -8.38 14.58
N HIS A 229 13.31 -8.26 13.75
CA HIS A 229 14.65 -8.16 14.27
C HIS A 229 14.77 -6.84 15.02
N ASP A 230 14.21 -5.77 14.42
CA ASP A 230 14.26 -4.49 15.11
C ASP A 230 13.44 -4.48 16.40
N LYS A 231 12.27 -5.10 16.35
CA LYS A 231 11.40 -5.18 17.52
C LYS A 231 12.16 -5.85 18.72
N ILE A 232 12.90 -6.93 18.44
CA ILE A 232 13.66 -7.55 19.51
C ILE A 232 14.65 -6.58 20.15
N ASP A 233 15.36 -5.83 19.33
CA ASP A 233 16.33 -4.91 19.87
C ASP A 233 15.70 -3.78 20.67
N VAL A 234 14.62 -3.19 20.17
CA VAL A 234 14.09 -2.02 20.89
C VAL A 234 13.43 -2.51 22.17
N GLU A 235 12.84 -3.70 22.13
CA GLU A 235 12.21 -4.17 23.35
C GLU A 235 13.24 -4.62 24.39
N ALA A 236 14.42 -5.02 23.93
CA ALA A 236 15.50 -5.39 24.84
C ALA A 236 16.30 -4.18 25.30
N GLY A 237 16.03 -3.00 24.71
CA GLY A 237 16.84 -1.82 25.01
C GLY A 237 18.24 -1.83 24.45
N ASN A 238 18.44 -2.57 23.36
CA ASN A 238 19.74 -2.64 22.76
C ASN A 238 20.01 -1.40 21.91
N LYS A 239 21.01 -0.60 22.26
CA LYS A 239 21.41 0.54 21.46
C LYS A 239 22.71 0.31 20.72
N ILE A 240 22.79 0.85 19.51
CA ILE A 240 24.05 0.91 18.79
C ILE A 240 25.11 1.73 19.54
N PRO A 241 26.30 1.14 19.82
CA PRO A 241 27.35 1.87 20.54
C PRO A 241 28.33 2.59 19.63
N VAL A 242 28.29 2.29 18.33
CA VAL A 242 29.18 2.86 17.33
C VAL A 242 28.82 4.36 17.21
N PRO A 243 29.79 5.27 17.21
CA PRO A 243 29.42 6.69 17.01
C PRO A 243 28.67 6.82 15.70
N MET A 244 27.56 7.56 15.69
CA MET A 244 26.80 7.67 14.47
C MET A 244 26.32 9.05 14.14
N LEU A 245 26.01 9.19 12.85
CA LEU A 245 25.48 10.44 12.29
C LEU A 245 24.18 10.08 11.58
N ALA A 246 23.13 10.85 11.88
CA ALA A 246 21.90 10.77 11.13
C ALA A 246 21.71 12.04 10.35
N LEU A 247 21.55 11.91 9.04
CA LEU A 247 21.26 13.08 8.20
C LEU A 247 20.00 12.77 7.46
N TRP A 248 19.14 13.74 7.29
CA TRP A 248 17.92 13.48 6.51
C TRP A 248 17.50 14.76 5.74
N GLY A 249 16.86 14.57 4.60
CA GLY A 249 16.23 15.70 3.90
C GLY A 249 15.00 16.16 4.66
N ALA A 250 14.89 17.47 4.79
CA ALA A 250 13.76 18.06 5.49
C ALA A 250 12.43 17.76 4.85
N SER A 251 12.44 17.48 3.55
CA SER A 251 11.22 17.10 2.82
C SER A 251 11.23 15.63 2.45
N GLY A 252 12.08 14.86 3.13
CA GLY A 252 12.31 13.45 2.88
C GLY A 252 11.43 12.60 3.74
N ILE A 253 11.71 11.30 3.72
CA ILE A 253 10.81 10.29 4.29
C ILE A 253 10.92 10.26 5.83
N ALA A 254 12.15 10.23 6.35
CA ALA A 254 12.40 10.05 7.78
C ALA A 254 11.62 11.06 8.62
N GLN A 255 11.55 12.33 8.18
CA GLN A 255 10.97 13.38 9.00
C GLN A 255 9.45 13.44 8.92
N SER A 256 8.86 12.62 8.02
CA SER A 256 7.43 12.67 7.69
C SER A 256 6.57 12.91 8.92
N ALA A 257 6.80 12.10 9.96
CA ALA A 257 6.07 12.23 11.25
C ALA A 257 6.96 11.94 12.48
N ALA A 258 8.10 12.61 12.56
CA ALA A 258 9.09 12.34 13.58
C ALA A 258 10.09 13.46 13.60
N THR A 259 10.68 13.65 14.76
CA THR A 259 11.95 14.36 14.88
C THR A 259 13.10 13.34 14.81
N PRO A 260 13.76 13.21 13.65
CA PRO A 260 14.61 12.01 13.50
C PRO A 260 15.71 11.84 14.54
N LEU A 261 16.32 12.92 14.98
CA LEU A 261 17.39 12.77 15.92
C LEU A 261 16.91 12.22 17.24
N ASP A 262 15.69 12.63 17.64
CA ASP A 262 15.07 12.12 18.88
C ASP A 262 14.86 10.60 18.75
N VAL A 263 14.44 10.19 17.56
CA VAL A 263 14.15 8.76 17.34
C VAL A 263 15.49 8.02 17.39
N TRP A 264 16.51 8.55 16.72
CA TRP A 264 17.77 7.83 16.73
C TRP A 264 18.44 7.75 18.10
N ARG A 265 18.17 8.74 18.96
CA ARG A 265 18.74 8.72 20.29
C ARG A 265 18.17 7.55 21.11
N LYS A 266 16.99 7.09 20.73
CA LYS A 266 16.44 5.88 21.34
C LYS A 266 17.19 4.63 20.92
N TRP A 267 17.84 4.66 19.76
CA TRP A 267 18.44 3.48 19.15
C TRP A 267 19.96 3.44 19.25
N ALA A 268 20.57 4.52 19.71
CA ALA A 268 22.01 4.69 19.59
C ALA A 268 22.51 5.57 20.71
N SER A 269 23.61 5.20 21.33
CA SER A 269 24.10 5.94 22.50
C SER A 269 25.01 7.12 22.22
N ASP A 270 25.47 7.26 20.98
CA ASP A 270 26.40 8.31 20.61
C ASP A 270 25.99 8.77 19.21
N VAL A 271 24.98 9.62 19.14
CA VAL A 271 24.43 9.99 17.82
C VAL A 271 24.39 11.50 17.71
N GLN A 272 24.77 12.01 16.54
CA GLN A 272 24.55 13.42 16.22
C GLN A 272 23.82 13.46 14.90
N GLY A 273 23.30 14.62 14.54
CA GLY A 273 22.64 14.63 13.25
C GLY A 273 22.06 15.99 12.93
N ALA A 274 21.53 16.08 11.71
CA ALA A 274 20.99 17.33 11.23
C ALA A 274 20.14 17.10 10.00
N PRO A 275 19.10 17.91 9.82
CA PRO A 275 18.42 18.00 8.54
C PRO A 275 19.27 18.76 7.50
N ILE A 276 18.91 18.56 6.25
CA ILE A 276 19.43 19.30 5.12
C ILE A 276 18.26 19.60 4.24
N GLU A 277 18.20 20.79 3.67
CA GLU A 277 17.10 21.11 2.76
C GLU A 277 17.18 20.27 1.46
N SER A 278 16.27 19.31 1.32
CA SER A 278 16.34 18.25 0.31
C SER A 278 15.10 17.42 0.49
N GLY A 279 14.70 16.71 -0.59
CA GLY A 279 13.81 15.57 -0.42
C GLY A 279 14.61 14.33 0.00
N ALA A 280 14.13 13.16 -0.39
CA ALA A 280 14.62 11.88 0.10
C ALA A 280 15.89 11.40 -0.60
N PHE A 281 16.46 12.15 -1.53
CA PHE A 281 17.62 11.67 -2.23
C PHE A 281 18.82 12.57 -1.91
N LEU A 282 19.17 12.64 -0.63
CA LEU A 282 20.19 13.61 -0.18
C LEU A 282 21.47 13.67 -1.01
N PRO A 283 22.10 12.53 -1.32
CA PRO A 283 23.42 12.63 -1.98
C PRO A 283 23.33 13.17 -3.40
N GLU A 284 22.17 13.16 -4.02
CA GLU A 284 22.00 13.76 -5.34
C GLU A 284 21.40 15.14 -5.27
N GLU A 285 20.47 15.35 -4.33
CA GLU A 285 19.80 16.64 -4.24
C GLU A 285 20.68 17.68 -3.55
N ALA A 286 21.50 17.26 -2.60
CA ALA A 286 22.35 18.18 -1.82
C ALA A 286 23.72 17.58 -1.66
N PRO A 287 24.43 17.44 -2.79
CA PRO A 287 25.67 16.68 -2.77
C PRO A 287 26.82 17.33 -1.99
N ASP A 288 26.93 18.65 -2.04
CA ASP A 288 28.08 19.31 -1.41
C ASP A 288 27.89 19.29 0.10
N GLN A 289 26.68 19.58 0.54
CA GLN A 289 26.41 19.51 1.96
C GLN A 289 26.47 18.10 2.50
N THR A 290 25.97 17.12 1.73
CA THR A 290 26.07 15.75 2.17
C THR A 290 27.54 15.33 2.27
N ALA A 291 28.33 15.63 1.24
CA ALA A 291 29.75 15.24 1.25
C ALA A 291 30.49 15.90 2.41
N GLU A 292 30.24 17.20 2.58
CA GLU A 292 30.88 17.88 3.69
C GLU A 292 30.52 17.28 5.04
N ALA A 293 29.24 17.00 5.27
CA ALA A 293 28.82 16.40 6.52
C ALA A 293 29.52 15.05 6.76
N LEU A 294 29.58 14.21 5.73
CA LEU A 294 30.23 12.92 5.85
C LEU A 294 31.74 13.03 6.06
N VAL A 295 32.42 13.94 5.33
CA VAL A 295 33.87 14.09 5.47
C VAL A 295 34.16 14.55 6.92
N ARG A 296 33.40 15.54 7.37
CA ARG A 296 33.63 16.04 8.71
C ARG A 296 33.39 15.01 9.80
N PHE A 297 32.32 14.22 9.65
CA PHE A 297 32.01 13.23 10.67
C PHE A 297 33.04 12.08 10.69
N PHE A 298 33.34 11.52 9.52
CA PHE A 298 34.26 10.39 9.45
C PHE A 298 35.71 10.77 9.75
N SER A 299 36.08 12.04 9.53
CA SER A 299 37.46 12.51 9.78
C SER A 299 37.68 12.89 11.24
N ALA A 300 36.63 13.18 11.98
CA ALA A 300 36.80 13.57 13.38
C ALA A 300 37.25 12.35 14.18
N ALA A 301 37.82 12.58 15.35
CA ALA A 301 38.33 11.46 16.18
C ALA A 301 37.28 10.95 17.16
N ASP B 3 -20.69 -13.03 -24.75
CA ASP B 3 -21.89 -12.59 -24.03
C ASP B 3 -21.73 -12.80 -22.53
N LEU B 4 -22.04 -11.76 -21.76
CA LEU B 4 -22.16 -11.89 -20.32
C LEU B 4 -23.45 -12.67 -19.98
N ALA B 5 -23.36 -13.60 -19.04
CA ALA B 5 -24.54 -14.41 -18.65
C ALA B 5 -25.62 -13.63 -17.88
N ASP B 6 -26.86 -14.03 -18.08
CA ASP B 6 -27.98 -13.52 -17.29
C ASP B 6 -28.13 -14.43 -16.08
N LEU B 7 -27.71 -13.91 -14.94
CA LEU B 7 -27.67 -14.67 -13.72
C LEU B 7 -28.84 -14.36 -12.81
N PHE B 8 -29.84 -13.63 -13.32
CA PHE B 8 -31.04 -13.31 -12.56
C PHE B 8 -32.30 -13.71 -13.33
N PRO B 9 -32.50 -15.03 -13.50
CA PRO B 9 -33.68 -15.43 -14.30
C PRO B 9 -34.96 -14.87 -13.70
N GLY B 10 -35.79 -14.29 -14.55
CA GLY B 10 -37.04 -13.72 -14.12
C GLY B 10 -36.96 -12.24 -13.82
N PHE B 11 -35.78 -11.74 -13.49
CA PHE B 11 -35.65 -10.31 -13.16
C PHE B 11 -35.63 -9.41 -14.42
N GLY B 12 -36.28 -8.27 -14.32
CA GLY B 12 -36.18 -7.23 -15.34
C GLY B 12 -34.83 -6.49 -15.31
N SER B 13 -34.60 -5.64 -16.32
CA SER B 13 -33.40 -4.78 -16.39
C SER B 13 -33.84 -3.34 -16.58
N GLU B 14 -33.43 -2.47 -15.67
CA GLU B 14 -33.90 -1.09 -15.65
C GLU B 14 -32.73 -0.14 -15.64
N TRP B 15 -32.81 0.93 -16.44
CA TRP B 15 -31.87 2.03 -16.41
C TRP B 15 -32.62 3.17 -15.74
N ILE B 16 -32.23 3.55 -14.54
CA ILE B 16 -33.02 4.48 -13.76
C ILE B 16 -32.34 5.85 -13.76
N ASN B 17 -33.06 6.90 -14.17
CA ASN B 17 -32.46 8.25 -14.27
C ASN B 17 -32.25 8.90 -12.93
N THR B 18 -31.15 9.64 -12.80
CA THR B 18 -30.98 10.55 -11.66
C THR B 18 -30.25 11.80 -12.14
N SER B 19 -30.20 12.79 -11.26
CA SER B 19 -29.46 14.01 -11.55
C SER B 19 -27.97 13.82 -11.82
N SER B 20 -27.40 12.64 -11.49
CA SER B 20 -25.96 12.41 -11.64
C SER B 20 -25.69 11.34 -12.68
N GLY B 21 -26.71 10.83 -13.35
CA GLY B 21 -26.52 9.76 -14.32
C GLY B 21 -27.41 8.55 -14.02
N ARG B 22 -27.48 7.61 -14.96
CA ARG B 22 -28.32 6.43 -14.81
C ARG B 22 -27.74 5.43 -13.86
N ILE B 23 -28.61 4.78 -13.11
CA ILE B 23 -28.29 3.65 -12.28
C ILE B 23 -28.88 2.40 -12.93
N PHE B 24 -28.02 1.42 -13.19
CA PHE B 24 -28.53 0.17 -13.77
C PHE B 24 -28.97 -0.75 -12.63
N ALA B 25 -30.11 -1.43 -12.81
CA ALA B 25 -30.48 -2.44 -11.82
C ALA B 25 -31.20 -3.63 -12.42
N ARG B 26 -31.06 -4.79 -11.80
CA ARG B 26 -31.96 -5.92 -12.04
C ARG B 26 -33.05 -5.85 -11.02
N VAL B 27 -34.29 -6.08 -11.45
CA VAL B 27 -35.44 -5.92 -10.56
C VAL B 27 -36.34 -7.15 -10.65
N GLY B 28 -36.61 -7.75 -9.51
CA GLY B 28 -37.44 -8.96 -9.49
C GLY B 28 -38.30 -9.03 -8.25
N GLY B 29 -39.36 -9.82 -8.28
CA GLY B 29 -40.16 -10.07 -7.10
C GLY B 29 -41.21 -9.03 -6.88
N ASP B 30 -41.95 -9.18 -5.79
CA ASP B 30 -43.05 -8.28 -5.43
C ASP B 30 -43.09 -8.21 -3.90
N GLY B 31 -43.78 -7.23 -3.34
CA GLY B 31 -43.80 -7.05 -1.91
C GLY B 31 -42.96 -5.82 -1.55
N PRO B 32 -42.57 -5.72 -0.27
CA PRO B 32 -41.86 -4.50 0.17
C PRO B 32 -40.52 -4.40 -0.57
N PRO B 33 -40.08 -3.17 -0.84
CA PRO B 33 -38.89 -2.97 -1.66
C PRO B 33 -37.59 -3.18 -0.86
N LEU B 34 -36.64 -3.88 -1.47
CA LEU B 34 -35.32 -4.14 -0.89
C LEU B 34 -34.25 -3.85 -1.92
N LEU B 35 -33.35 -2.90 -1.62
CA LEU B 35 -32.24 -2.55 -2.48
C LEU B 35 -30.96 -3.27 -2.01
N LEU B 36 -30.24 -3.85 -2.97
CA LEU B 36 -28.98 -4.55 -2.70
C LEU B 36 -27.86 -3.84 -3.40
N LEU B 37 -26.80 -3.54 -2.65
CA LEU B 37 -25.67 -2.78 -3.17
C LEU B 37 -24.35 -3.55 -3.02
N HIS B 38 -23.71 -3.83 -4.14
CA HIS B 38 -22.40 -4.51 -4.23
C HIS B 38 -21.22 -3.61 -3.81
N GLY B 39 -20.02 -4.20 -3.83
CA GLY B 39 -18.80 -3.47 -3.57
C GLY B 39 -17.75 -3.73 -4.61
N PHE B 40 -16.50 -3.61 -4.14
CA PHE B 40 -15.29 -3.65 -5.01
C PHE B 40 -14.58 -4.98 -4.89
N PRO B 41 -14.08 -5.54 -6.00
CA PRO B 41 -14.15 -5.07 -7.39
C PRO B 41 -15.25 -5.82 -8.15
N GLN B 42 -16.51 -5.57 -7.80
CA GLN B 42 -17.61 -6.39 -8.29
C GLN B 42 -18.66 -5.49 -8.88
N THR B 43 -19.79 -6.10 -9.23
CA THR B 43 -20.95 -5.39 -9.75
C THR B 43 -22.17 -6.04 -9.14
N HIS B 44 -23.39 -5.60 -9.54
CA HIS B 44 -24.61 -6.14 -9.00
C HIS B 44 -24.70 -7.66 -9.06
N VAL B 45 -23.95 -8.29 -9.98
CA VAL B 45 -24.11 -9.72 -10.17
C VAL B 45 -23.67 -10.53 -8.97
N MET B 46 -22.88 -9.93 -8.06
CA MET B 46 -22.50 -10.65 -6.85
C MET B 46 -23.67 -11.14 -5.99
N TRP B 47 -24.87 -10.58 -6.17
CA TRP B 47 -26.05 -10.99 -5.43
C TRP B 47 -26.80 -12.12 -6.11
N HIS B 48 -26.22 -12.71 -7.15
CA HIS B 48 -27.04 -13.66 -7.95
C HIS B 48 -27.44 -14.94 -7.22
N ARG B 49 -26.69 -15.32 -6.19
CA ARG B 49 -27.01 -16.52 -5.41
C ARG B 49 -27.96 -16.27 -4.26
N VAL B 50 -28.15 -15.01 -3.84
CA VAL B 50 -29.05 -14.73 -2.71
C VAL B 50 -30.31 -13.96 -3.14
N ALA B 51 -30.23 -13.19 -4.21
CA ALA B 51 -31.36 -12.40 -4.69
C ALA B 51 -32.64 -13.20 -4.97
N PRO B 52 -32.54 -14.38 -5.63
CA PRO B 52 -33.76 -15.17 -5.86
C PRO B 52 -34.53 -15.51 -4.57
N LYS B 53 -33.80 -15.90 -3.53
CA LYS B 53 -34.43 -16.24 -2.25
C LYS B 53 -35.07 -15.02 -1.60
N LEU B 54 -34.43 -13.87 -1.71
CA LEU B 54 -35.04 -12.65 -1.24
C LEU B 54 -36.29 -12.26 -2.05
N ALA B 55 -36.25 -12.54 -3.35
CA ALA B 55 -37.34 -12.19 -4.24
C ALA B 55 -38.61 -13.05 -4.01
N GLU B 56 -38.50 -14.06 -3.16
CA GLU B 56 -39.69 -14.82 -2.76
C GLU B 56 -40.59 -13.94 -1.89
N ARG B 57 -40.03 -12.91 -1.25
CA ARG B 57 -40.78 -12.13 -0.26
C ARG B 57 -40.73 -10.61 -0.45
N PHE B 58 -39.84 -10.16 -1.33
CA PHE B 58 -39.59 -8.73 -1.52
C PHE B 58 -39.49 -8.39 -2.98
N LYS B 59 -39.77 -7.11 -3.30
CA LYS B 59 -39.35 -6.58 -4.59
C LYS B 59 -37.85 -6.25 -4.42
N VAL B 60 -37.00 -6.98 -5.12
CA VAL B 60 -35.55 -6.86 -4.99
C VAL B 60 -34.98 -6.07 -6.14
N ILE B 61 -34.23 -5.01 -5.78
CA ILE B 61 -33.62 -4.12 -6.74
C ILE B 61 -32.14 -4.24 -6.53
N VAL B 62 -31.48 -4.77 -7.57
CA VAL B 62 -30.05 -5.10 -7.49
C VAL B 62 -29.30 -4.12 -8.35
N ALA B 63 -28.74 -3.07 -7.72
CA ALA B 63 -28.22 -1.90 -8.44
C ALA B 63 -26.70 -1.90 -8.57
N ASP B 64 -26.22 -1.48 -9.74
CA ASP B 64 -24.81 -1.09 -9.86
C ASP B 64 -24.59 0.27 -9.17
N LEU B 65 -23.60 0.34 -8.30
CA LEU B 65 -23.22 1.62 -7.67
C LEU B 65 -22.94 2.70 -8.72
N PRO B 66 -23.10 3.97 -8.37
CA PRO B 66 -22.67 5.04 -9.27
C PRO B 66 -21.25 4.77 -9.79
N GLY B 67 -21.10 4.80 -11.11
CA GLY B 67 -19.79 4.61 -11.74
C GLY B 67 -19.32 3.17 -11.90
N TYR B 68 -20.07 2.21 -11.37
CA TYR B 68 -19.69 0.82 -11.43
C TYR B 68 -20.62 0.08 -12.37
N GLY B 69 -20.12 -1.02 -12.92
CA GLY B 69 -20.97 -1.90 -13.73
C GLY B 69 -21.46 -1.22 -14.99
N TRP B 70 -22.79 -1.15 -15.11
CA TRP B 70 -23.40 -0.46 -16.25
C TRP B 70 -24.02 0.88 -15.83
N SER B 71 -23.85 1.29 -14.58
CA SER B 71 -24.32 2.62 -14.20
C SER B 71 -23.45 3.67 -14.86
N ASP B 72 -23.99 4.83 -15.14
CA ASP B 72 -23.19 5.92 -15.74
C ASP B 72 -22.09 6.33 -14.76
N MET B 73 -21.07 7.01 -15.29
CA MET B 73 -19.97 7.50 -14.46
C MET B 73 -19.99 9.02 -14.38
N PRO B 74 -20.59 9.56 -13.31
CA PRO B 74 -20.57 11.02 -13.21
C PRO B 74 -19.12 11.57 -13.18
N GLU B 75 -18.93 12.78 -13.72
CA GLU B 75 -17.61 13.41 -13.66
C GLU B 75 -17.20 13.67 -12.23
N SER B 76 -15.97 13.28 -11.89
CA SER B 76 -15.48 13.50 -10.53
C SER B 76 -14.90 14.91 -10.40
N ASP B 77 -14.31 15.19 -9.26
CA ASP B 77 -13.68 16.50 -9.04
C ASP B 77 -12.53 16.29 -8.05
N GLU B 78 -11.91 17.39 -7.66
CA GLU B 78 -10.75 17.34 -6.78
C GLU B 78 -11.01 16.74 -5.40
N GLN B 79 -12.27 16.72 -4.97
CA GLN B 79 -12.63 16.14 -3.68
C GLN B 79 -13.38 14.79 -3.87
N HIS B 80 -13.37 14.30 -5.11
CA HIS B 80 -13.92 12.96 -5.44
C HIS B 80 -15.42 12.92 -5.13
N THR B 81 -16.09 14.06 -5.22
CA THR B 81 -17.43 14.20 -4.63
C THR B 81 -18.46 13.14 -5.04
N PRO B 82 -18.63 12.85 -6.33
CA PRO B 82 -19.69 11.91 -6.71
C PRO B 82 -19.42 10.49 -6.22
N TYR B 83 -18.19 10.17 -5.83
CA TYR B 83 -17.83 8.82 -5.37
C TYR B 83 -17.71 8.76 -3.85
N THR B 84 -18.02 9.88 -3.16
CA THR B 84 -18.18 9.81 -1.73
C THR B 84 -19.44 9.01 -1.43
N LYS B 85 -19.45 8.38 -0.27
CA LYS B 85 -20.60 7.56 0.09
C LYS B 85 -21.82 8.47 0.35
N ARG B 86 -21.63 9.69 0.81
CA ARG B 86 -22.76 10.59 1.01
C ARG B 86 -23.41 10.90 -0.34
N ALA B 87 -22.60 11.18 -1.36
CA ALA B 87 -23.15 11.49 -2.65
C ALA B 87 -23.77 10.26 -3.33
N MET B 88 -23.13 9.10 -3.21
CA MET B 88 -23.69 7.91 -3.85
C MET B 88 -25.04 7.60 -3.19
N ALA B 89 -25.14 7.82 -1.90
CA ALA B 89 -26.41 7.57 -1.20
C ALA B 89 -27.47 8.51 -1.70
N LYS B 90 -27.16 9.80 -1.85
CA LYS B 90 -28.12 10.75 -2.43
C LYS B 90 -28.55 10.34 -3.83
N GLN B 91 -27.63 9.84 -4.64
CA GLN B 91 -27.97 9.44 -6.01
C GLN B 91 -28.89 8.20 -6.01
N LEU B 92 -28.64 7.28 -5.09
CA LEU B 92 -29.46 6.04 -5.05
C LEU B 92 -30.82 6.33 -4.42
N ILE B 93 -30.87 7.29 -3.50
CA ILE B 93 -32.18 7.79 -3.02
C ILE B 93 -33.00 8.37 -4.20
N GLU B 94 -32.38 9.14 -5.10
CA GLU B 94 -33.08 9.63 -6.30
C GLU B 94 -33.52 8.49 -7.16
N ALA B 95 -32.67 7.50 -7.39
CA ALA B 95 -33.03 6.35 -8.19
C ALA B 95 -34.27 5.67 -7.58
N MET B 96 -34.26 5.43 -6.27
CA MET B 96 -35.41 4.76 -5.65
C MET B 96 -36.66 5.61 -5.82
N GLU B 97 -36.55 6.93 -5.73
CA GLU B 97 -37.74 7.79 -5.94
C GLU B 97 -38.30 7.69 -7.34
N GLN B 98 -37.50 7.38 -8.36
CA GLN B 98 -38.00 7.18 -9.71
C GLN B 98 -38.91 5.98 -9.75
N LEU B 99 -38.71 5.03 -8.85
CA LEU B 99 -39.58 3.82 -8.77
C LEU B 99 -40.68 4.01 -7.74
N GLY B 100 -40.76 5.20 -7.16
CA GLY B 100 -41.77 5.44 -6.14
C GLY B 100 -41.45 4.84 -4.78
N HIS B 101 -40.17 4.56 -4.52
CA HIS B 101 -39.78 3.98 -3.24
C HIS B 101 -39.08 5.03 -2.38
N VAL B 102 -39.78 5.51 -1.35
CA VAL B 102 -39.20 6.50 -0.44
C VAL B 102 -38.90 5.93 0.92
N HIS B 103 -39.26 4.67 1.14
CA HIS B 103 -38.95 4.01 2.39
C HIS B 103 -38.74 2.54 1.97
N PHE B 104 -37.57 2.01 2.22
CA PHE B 104 -37.21 0.68 1.72
C PHE B 104 -36.23 0.00 2.65
N ALA B 105 -36.07 -1.29 2.46
CA ALA B 105 -35.01 -2.06 3.15
C ALA B 105 -33.76 -2.04 2.30
N LEU B 106 -32.59 -2.16 2.95
CA LEU B 106 -31.31 -1.99 2.27
C LEU B 106 -30.28 -2.96 2.83
N ALA B 107 -29.60 -3.66 1.91
CA ALA B 107 -28.43 -4.44 2.30
C ALA B 107 -27.29 -4.08 1.36
N GLY B 108 -26.10 -3.96 1.93
CA GLY B 108 -24.92 -3.66 1.14
C GLY B 108 -23.73 -4.49 1.56
N HIS B 109 -22.78 -4.58 0.64
CA HIS B 109 -21.59 -5.41 0.84
C HIS B 109 -20.42 -4.55 0.48
N ASP B 110 -19.38 -4.56 1.33
CA ASP B 110 -18.14 -3.82 1.02
C ASP B 110 -18.45 -2.35 0.70
N ARG B 111 -18.06 -1.80 -0.45
CA ARG B 111 -18.32 -0.35 -0.70
C ARG B 111 -19.82 -0.04 -0.62
N GLY B 112 -20.66 -0.94 -1.14
CA GLY B 112 -22.11 -0.73 -1.08
C GLY B 112 -22.63 -0.71 0.35
N ALA B 113 -21.97 -1.43 1.27
CA ALA B 113 -22.33 -1.34 2.67
C ALA B 113 -21.95 0.01 3.27
N ARG B 114 -20.90 0.60 2.73
CA ARG B 114 -20.47 1.94 3.14
C ARG B 114 -21.48 2.97 2.69
N VAL B 115 -21.93 2.89 1.44
CA VAL B 115 -23.05 3.70 0.99
C VAL B 115 -24.23 3.53 1.90
N SER B 116 -24.49 2.30 2.29
CA SER B 116 -25.70 2.00 3.09
C SER B 116 -25.67 2.57 4.51
N TYR B 117 -24.54 2.41 5.22
CA TYR B 117 -24.56 3.00 6.58
C TYR B 117 -24.49 4.53 6.55
N ARG B 118 -23.86 5.05 5.52
CA ARG B 118 -23.87 6.51 5.34
C ARG B 118 -25.30 7.00 5.06
N LEU B 119 -25.99 6.30 4.17
CA LEU B 119 -27.39 6.60 3.92
C LEU B 119 -28.19 6.59 5.21
N ALA B 120 -28.00 5.56 6.03
CA ALA B 120 -28.73 5.43 7.30
C ALA B 120 -28.41 6.59 8.27
N LEU B 121 -27.16 7.04 8.31
CA LEU B 121 -26.77 8.20 9.14
C LEU B 121 -27.38 9.50 8.61
N ASP B 122 -27.33 9.68 7.30
CA ASP B 122 -27.79 10.94 6.69
C ASP B 122 -29.29 11.07 6.54
N SER B 123 -29.94 9.96 6.22
CA SER B 123 -31.35 9.97 5.88
C SER B 123 -32.05 8.74 6.41
N PRO B 124 -32.07 8.57 7.74
CA PRO B 124 -32.59 7.32 8.34
C PRO B 124 -34.08 7.08 8.00
N GLY B 125 -34.82 8.17 7.75
CA GLY B 125 -36.23 8.08 7.36
C GLY B 125 -36.46 7.26 6.10
N ARG B 126 -35.44 7.13 5.26
CA ARG B 126 -35.53 6.36 4.04
C ARG B 126 -35.56 4.83 4.24
N LEU B 127 -35.12 4.34 5.40
CA LEU B 127 -34.87 2.91 5.61
C LEU B 127 -35.75 2.29 6.65
N SER B 128 -36.36 1.16 6.29
CA SER B 128 -37.08 0.35 7.28
C SER B 128 -36.07 -0.44 8.15
N LYS B 129 -35.13 -1.09 7.48
CA LYS B 129 -34.10 -1.89 8.13
C LYS B 129 -32.88 -1.86 7.24
N LEU B 130 -31.70 -2.07 7.84
CA LEU B 130 -30.45 -2.03 7.13
C LEU B 130 -29.57 -3.24 7.45
N ALA B 131 -28.94 -3.82 6.43
CA ALA B 131 -27.93 -4.86 6.68
C ALA B 131 -26.63 -4.46 6.02
N VAL B 132 -25.55 -4.65 6.75
CA VAL B 132 -24.21 -4.42 6.22
C VAL B 132 -23.43 -5.74 6.28
N LEU B 133 -22.70 -6.01 5.22
CA LEU B 133 -21.97 -7.28 5.08
C LEU B 133 -20.49 -7.04 4.89
N ASP B 134 -19.68 -7.72 5.73
CA ASP B 134 -18.24 -7.81 5.61
C ASP B 134 -17.53 -6.47 5.83
N ILE B 135 -18.13 -5.54 6.58
CA ILE B 135 -17.50 -4.28 6.86
C ILE B 135 -17.55 -3.81 8.32
N LEU B 136 -16.59 -2.94 8.65
CA LEU B 136 -16.75 -2.03 9.77
C LEU B 136 -16.83 -0.64 9.13
N PRO B 137 -17.27 0.36 9.87
CA PRO B 137 -17.26 1.71 9.32
C PRO B 137 -15.89 2.16 8.87
N THR B 138 -15.87 2.98 7.83
CA THR B 138 -14.63 3.55 7.30
C THR B 138 -13.79 4.21 8.38
N TYR B 139 -14.41 4.96 9.29
CA TYR B 139 -13.64 5.55 10.39
C TYR B 139 -12.95 4.48 11.20
N GLU B 140 -13.57 3.34 11.44
CA GLU B 140 -12.94 2.34 12.27
C GLU B 140 -11.74 1.68 11.60
N TYR B 141 -11.78 1.44 10.30
CA TYR B 141 -10.61 0.89 9.61
C TYR B 141 -9.46 1.84 9.73
N TRP B 142 -9.72 3.15 9.51
CA TRP B 142 -8.62 4.10 9.57
C TRP B 142 -8.11 4.27 10.99
N GLN B 143 -8.97 4.27 12.00
CA GLN B 143 -8.46 4.33 13.37
C GLN B 143 -7.63 3.13 13.81
N ARG B 144 -7.95 1.98 13.27
CA ARG B 144 -7.30 0.73 13.60
C ARG B 144 -5.95 0.65 12.89
N MET B 145 -5.77 1.50 11.87
CA MET B 145 -4.58 1.51 11.01
C MET B 145 -3.29 1.40 11.82
N ASN B 146 -2.60 0.34 11.47
CA ASN B 146 -1.32 -0.01 12.08
C ASN B 146 -0.62 -0.89 11.04
N ARG B 147 0.52 -1.47 11.40
CA ARG B 147 1.28 -2.28 10.45
C ARG B 147 0.43 -3.45 9.92
N ALA B 148 -0.27 -4.13 10.84
CA ALA B 148 -1.01 -5.32 10.44
C ALA B 148 -2.11 -4.95 9.44
N TYR B 149 -2.85 -3.90 9.77
CA TYR B 149 -3.90 -3.44 8.85
C TYR B 149 -3.40 -2.85 7.53
N ALA B 150 -2.27 -2.13 7.60
CA ALA B 150 -1.74 -1.51 6.41
C ALA B 150 -1.36 -2.62 5.43
N LEU B 151 -0.86 -3.73 5.93
CA LEU B 151 -0.52 -4.86 5.05
C LEU B 151 -1.79 -5.57 4.58
N LYS B 152 -2.77 -5.76 5.45
CA LYS B 152 -3.97 -6.53 5.07
C LYS B 152 -4.82 -5.77 4.06
N ILE B 153 -5.13 -4.51 4.38
CA ILE B 153 -6.06 -3.75 3.56
C ILE B 153 -5.25 -2.70 2.75
N TYR B 154 -4.24 -3.18 2.03
CA TYR B 154 -3.32 -2.25 1.36
C TYR B 154 -4.05 -1.40 0.29
N HIS B 155 -5.17 -1.93 -0.22
CA HIS B 155 -5.96 -1.19 -1.21
C HIS B 155 -6.34 0.19 -0.74
N TRP B 156 -6.57 0.33 0.56
CA TRP B 156 -7.08 1.58 1.14
C TRP B 156 -6.08 2.72 0.99
N SER B 157 -4.79 2.38 0.96
CA SER B 157 -3.74 3.39 0.76
C SER B 157 -3.21 3.44 -0.68
N PHE B 158 -3.15 2.28 -1.30
CA PHE B 158 -2.67 2.21 -2.69
C PHE B 158 -3.62 2.85 -3.69
N LEU B 159 -4.90 2.46 -3.66
CA LEU B 159 -5.88 2.97 -4.62
C LEU B 159 -6.23 4.43 -4.37
N ALA B 160 -5.93 4.93 -3.17
CA ALA B 160 -6.14 6.31 -2.79
C ALA B 160 -4.97 7.24 -3.17
N GLN B 161 -3.88 6.68 -3.68
CA GLN B 161 -2.77 7.55 -4.14
C GLN B 161 -3.26 8.44 -5.28
N PRO B 162 -2.70 9.64 -5.44
CA PRO B 162 -3.15 10.53 -6.51
C PRO B 162 -3.03 9.92 -7.88
N ALA B 163 -4.05 10.18 -8.70
CA ALA B 163 -4.01 9.77 -10.08
C ALA B 163 -2.79 10.42 -10.74
N PRO B 164 -2.15 9.74 -11.70
CA PRO B 164 -2.56 8.46 -12.33
C PRO B 164 -1.81 7.24 -11.79
N LEU B 165 -1.26 7.31 -10.58
CA LEU B 165 -0.37 6.24 -10.08
C LEU B 165 -1.06 4.84 -10.11
N PRO B 166 -2.16 4.68 -9.34
CA PRO B 166 -2.77 3.34 -9.38
C PRO B 166 -3.36 3.02 -10.73
N GLU B 167 -3.93 4.00 -11.44
CA GLU B 167 -4.53 3.73 -12.75
C GLU B 167 -3.44 3.17 -13.69
N ASN B 168 -2.26 3.77 -13.64
CA ASN B 168 -1.22 3.33 -14.55
C ASN B 168 -0.80 1.90 -14.24
N LEU B 169 -0.67 1.58 -12.97
CA LEU B 169 -0.27 0.23 -12.55
C LEU B 169 -1.32 -0.79 -12.89
N LEU B 170 -2.59 -0.45 -12.65
CA LEU B 170 -3.67 -1.40 -12.89
C LEU B 170 -3.87 -1.74 -14.36
N GLY B 171 -3.48 -0.85 -15.27
CA GLY B 171 -3.76 -1.04 -16.68
C GLY B 171 -2.89 -2.04 -17.44
N GLY B 172 -1.80 -2.45 -16.82
CA GLY B 172 -0.89 -3.38 -17.47
C GLY B 172 -1.53 -4.75 -17.70
N ASP B 173 -2.14 -5.28 -16.63
CA ASP B 173 -2.76 -6.59 -16.67
C ASP B 173 -3.96 -6.56 -15.70
N PRO B 174 -5.02 -5.89 -16.13
CA PRO B 174 -6.17 -5.78 -15.20
C PRO B 174 -6.81 -7.14 -14.96
N ASP B 175 -6.84 -8.05 -15.95
CA ASP B 175 -7.45 -9.36 -15.69
C ASP B 175 -6.76 -10.05 -14.53
N PHE B 176 -5.42 -10.02 -14.50
CA PHE B 176 -4.73 -10.68 -13.42
C PHE B 176 -5.06 -10.05 -12.08
N TYR B 177 -5.05 -8.72 -12.07
CA TYR B 177 -5.28 -8.03 -10.82
C TYR B 177 -6.67 -8.33 -10.25
N VAL B 178 -7.70 -8.22 -11.08
CA VAL B 178 -9.05 -8.43 -10.55
C VAL B 178 -9.21 -9.89 -10.07
N LYS B 179 -8.67 -10.84 -10.83
CA LYS B 179 -8.85 -12.24 -10.45
C LYS B 179 -8.06 -12.59 -9.21
N ALA B 180 -6.83 -12.09 -9.13
CA ALA B 180 -6.00 -12.34 -7.97
C ALA B 180 -6.57 -11.70 -6.73
N SER B 181 -7.14 -10.51 -6.89
CA SER B 181 -7.75 -9.82 -5.76
C SER B 181 -8.98 -10.57 -5.25
N LEU B 182 -9.92 -10.92 -6.16
CA LEU B 182 -11.08 -11.75 -5.79
C LEU B 182 -10.64 -13.01 -5.04
N ALA B 183 -9.70 -13.76 -5.61
CA ALA B 183 -9.30 -15.04 -5.00
C ALA B 183 -8.75 -14.76 -3.60
N SER B 184 -7.97 -13.69 -3.47
CA SER B 184 -7.31 -13.41 -2.20
C SER B 184 -8.25 -13.11 -1.04
N GLY B 185 -9.48 -12.68 -1.33
CA GLY B 185 -10.40 -12.35 -0.25
C GLY B 185 -11.24 -13.53 0.22
N THR B 186 -11.17 -14.65 -0.50
CA THR B 186 -12.02 -15.80 -0.17
C THR B 186 -11.29 -16.72 0.80
N ARG B 187 -12.06 -17.55 1.49
CA ARG B 187 -11.48 -18.53 2.39
C ARG B 187 -10.57 -19.47 1.63
N ALA B 188 -11.06 -19.88 0.47
CA ALA B 188 -10.33 -20.83 -0.37
C ALA B 188 -9.00 -20.30 -0.94
N GLY B 189 -8.85 -18.98 -1.11
CA GLY B 189 -7.68 -18.44 -1.77
C GLY B 189 -7.62 -18.63 -3.28
N ASP B 190 -8.72 -19.09 -3.86
CA ASP B 190 -8.76 -19.27 -5.31
C ASP B 190 -10.12 -18.75 -5.77
N LEU B 191 -10.49 -19.00 -7.03
CA LEU B 191 -11.76 -18.51 -7.54
C LEU B 191 -12.89 -19.51 -7.42
N SER B 192 -12.68 -20.60 -6.70
CA SER B 192 -13.65 -21.66 -6.74
C SER B 192 -15.00 -21.34 -6.09
N ALA B 193 -15.05 -20.33 -5.19
CA ALA B 193 -16.33 -19.93 -4.58
C ALA B 193 -17.19 -19.06 -5.50
N PHE B 194 -16.62 -18.59 -6.60
CA PHE B 194 -17.39 -17.77 -7.53
C PHE B 194 -17.91 -18.57 -8.70
N ASP B 195 -19.05 -18.17 -9.23
CA ASP B 195 -19.53 -18.73 -10.50
C ASP B 195 -18.67 -18.12 -11.57
N PRO B 196 -18.14 -18.93 -12.50
CA PRO B 196 -17.23 -18.37 -13.53
C PRO B 196 -17.91 -17.28 -14.36
N ARG B 197 -19.23 -17.35 -14.54
CA ARG B 197 -19.99 -16.35 -15.29
C ARG B 197 -19.97 -15.02 -14.54
N ALA B 198 -20.02 -15.09 -13.22
CA ALA B 198 -19.94 -13.87 -12.41
C ALA B 198 -18.55 -13.27 -12.50
N VAL B 199 -17.53 -14.12 -12.39
CA VAL B 199 -16.16 -13.65 -12.54
C VAL B 199 -15.96 -12.92 -13.86
N GLU B 200 -16.60 -13.43 -14.91
CA GLU B 200 -16.49 -12.77 -16.21
C GLU B 200 -17.11 -11.36 -16.22
N HIS B 201 -18.25 -11.19 -15.56
CA HIS B 201 -18.80 -9.85 -15.35
C HIS B 201 -17.77 -8.96 -14.66
N TYR B 202 -17.14 -9.46 -13.61
CA TYR B 202 -16.20 -8.62 -12.87
C TYR B 202 -15.00 -8.27 -13.73
N ARG B 203 -14.55 -9.25 -14.52
CA ARG B 203 -13.36 -9.02 -15.33
C ARG B 203 -13.64 -8.02 -16.44
N ILE B 204 -14.81 -8.14 -17.06
CA ILE B 204 -15.15 -7.24 -18.14
C ILE B 204 -15.27 -5.78 -17.65
N ALA B 205 -15.88 -5.58 -16.47
CA ALA B 205 -15.96 -4.23 -15.92
C ALA B 205 -14.57 -3.71 -15.63
N PHE B 206 -13.74 -4.55 -15.01
CA PHE B 206 -12.42 -4.11 -14.58
C PHE B 206 -11.50 -3.85 -15.77
N ALA B 207 -11.84 -4.40 -16.93
CA ALA B 207 -11.05 -4.23 -18.13
C ALA B 207 -11.13 -2.79 -18.69
N ASP B 208 -12.17 -2.04 -18.30
CA ASP B 208 -12.36 -0.68 -18.80
C ASP B 208 -11.56 0.34 -17.98
N PRO B 209 -10.59 1.04 -18.56
CA PRO B 209 -9.85 2.03 -17.75
C PRO B 209 -10.75 3.06 -17.04
N MET B 210 -11.87 3.42 -17.64
CA MET B 210 -12.77 4.41 -17.02
C MET B 210 -13.37 3.84 -15.76
N ARG B 211 -13.68 2.54 -15.76
CA ARG B 211 -14.26 1.89 -14.58
C ARG B 211 -13.21 1.77 -13.48
N ARG B 212 -11.97 1.45 -13.85
CA ARG B 212 -10.92 1.37 -12.85
C ARG B 212 -10.66 2.73 -12.24
N HIS B 213 -10.73 3.79 -13.04
CA HIS B 213 -10.54 5.14 -12.46
C HIS B 213 -11.61 5.45 -11.42
N VAL B 214 -12.87 5.13 -11.73
CA VAL B 214 -13.94 5.26 -10.75
C VAL B 214 -13.63 4.53 -9.42
N MET B 215 -13.11 3.31 -9.51
CA MET B 215 -12.79 2.58 -8.29
C MET B 215 -11.73 3.32 -7.49
N CYS B 216 -10.77 3.89 -8.20
CA CYS B 216 -9.74 4.68 -7.49
C CYS B 216 -10.36 5.95 -6.88
N GLU B 217 -11.27 6.61 -7.60
CA GLU B 217 -11.95 7.77 -7.00
C GLU B 217 -12.74 7.38 -5.73
N ASP B 218 -13.38 6.21 -5.77
CA ASP B 218 -14.08 5.66 -4.60
C ASP B 218 -13.16 5.51 -3.38
N TYR B 219 -11.97 4.95 -3.64
CA TYR B 219 -10.99 4.82 -2.57
C TYR B 219 -10.37 6.15 -2.16
N ARG B 220 -10.22 7.08 -3.08
CA ARG B 220 -9.77 8.40 -2.68
C ARG B 220 -10.82 9.04 -1.75
N ALA B 221 -12.09 8.97 -2.13
CA ALA B 221 -13.14 9.47 -1.23
C ALA B 221 -13.09 8.74 0.11
N GLY B 222 -12.81 7.44 0.10
CA GLY B 222 -12.76 6.68 1.34
C GLY B 222 -11.63 7.12 2.29
N ALA B 223 -10.54 7.65 1.71
CA ALA B 223 -9.41 8.12 2.50
C ALA B 223 -9.63 9.51 3.04
N TYR B 224 -10.49 10.30 2.40
CA TYR B 224 -10.61 11.73 2.68
C TYR B 224 -12.06 12.07 3.11
N ALA B 225 -12.93 12.51 2.20
CA ALA B 225 -14.24 12.98 2.65
C ALA B 225 -15.05 11.93 3.43
N ASP B 226 -15.01 10.64 3.03
CA ASP B 226 -15.84 9.67 3.72
C ASP B 226 -15.36 9.54 5.17
N PHE B 227 -14.03 9.56 5.35
CA PHE B 227 -13.46 9.50 6.68
C PHE B 227 -13.90 10.70 7.52
N GLU B 228 -13.85 11.90 6.92
CA GLU B 228 -14.26 13.13 7.62
C GLU B 228 -15.74 13.10 7.99
N HIS B 229 -16.58 12.61 7.08
CA HIS B 229 -17.99 12.53 7.37
C HIS B 229 -18.21 11.58 8.57
N ASP B 230 -17.52 10.44 8.56
CA ASP B 230 -17.71 9.51 9.66
C ASP B 230 -17.22 10.11 11.00
N LYS B 231 -16.08 10.78 10.93
CA LYS B 231 -15.49 11.39 12.13
C LYS B 231 -16.44 12.40 12.79
N ILE B 232 -17.20 13.16 11.98
CA ILE B 232 -18.19 14.06 12.53
C ILE B 232 -19.26 13.32 13.32
N ASP B 233 -19.74 12.20 12.77
CA ASP B 233 -20.73 11.45 13.49
C ASP B 233 -20.18 10.87 14.79
N VAL B 234 -18.97 10.32 14.75
CA VAL B 234 -18.33 9.86 16.00
C VAL B 234 -18.21 10.96 17.03
N GLU B 235 -17.77 12.14 16.59
CA GLU B 235 -17.60 13.24 17.50
C GLU B 235 -18.92 13.77 18.03
N ALA B 236 -19.99 13.65 17.23
CA ALA B 236 -21.31 14.07 17.67
C ALA B 236 -22.03 13.03 18.51
N GLY B 237 -21.48 11.81 18.56
CA GLY B 237 -22.18 10.73 19.22
C GLY B 237 -23.40 10.24 18.47
N ASN B 238 -23.43 10.42 17.16
CA ASN B 238 -24.60 10.02 16.36
C ASN B 238 -24.61 8.53 16.09
N LYS B 239 -25.71 7.88 16.40
CA LYS B 239 -25.85 6.45 16.09
C LYS B 239 -27.01 6.24 15.12
N ILE B 240 -26.88 5.22 14.30
CA ILE B 240 -27.96 4.83 13.41
C ILE B 240 -29.13 4.30 14.19
N PRO B 241 -30.34 4.86 13.97
CA PRO B 241 -31.49 4.41 14.73
C PRO B 241 -32.31 3.32 14.02
N VAL B 242 -32.02 3.11 12.72
CA VAL B 242 -32.66 2.07 11.90
C VAL B 242 -32.28 0.69 12.46
N PRO B 243 -33.24 -0.22 12.67
CA PRO B 243 -32.83 -1.60 13.02
C PRO B 243 -31.84 -2.15 12.02
N MET B 244 -30.78 -2.77 12.53
CA MET B 244 -29.76 -3.20 11.58
C MET B 244 -29.14 -4.54 11.91
N LEU B 245 -28.53 -5.12 10.87
CA LEU B 245 -27.90 -6.43 10.96
C LEU B 245 -26.52 -6.26 10.42
N ALA B 246 -25.53 -6.76 11.15
CA ALA B 246 -24.16 -6.81 10.65
C ALA B 246 -23.72 -8.27 10.49
N LEU B 247 -23.38 -8.67 9.26
CA LEU B 247 -22.91 -10.05 9.03
C LEU B 247 -21.50 -9.94 8.55
N TRP B 248 -20.67 -10.93 8.87
CA TRP B 248 -19.30 -10.89 8.34
C TRP B 248 -18.75 -12.31 8.21
N GLY B 249 -17.91 -12.49 7.19
CA GLY B 249 -17.21 -13.76 7.06
C GLY B 249 -16.10 -13.78 8.11
N ALA B 250 -16.07 -14.88 8.88
CA ALA B 250 -15.10 -14.99 9.99
C ALA B 250 -13.64 -14.94 9.55
N SER B 251 -13.36 -15.42 8.34
CA SER B 251 -11.99 -15.46 7.89
C SER B 251 -11.66 -14.20 7.09
N GLY B 252 -12.63 -13.32 6.90
CA GLY B 252 -12.39 -12.04 6.28
C GLY B 252 -11.84 -10.96 7.22
N THR B 259 -15.14 -7.79 18.74
CA THR B 259 -15.80 -8.33 17.55
C THR B 259 -16.41 -7.22 16.66
N PRO B 260 -16.73 -7.54 15.41
CA PRO B 260 -17.44 -6.56 14.59
C PRO B 260 -18.77 -6.12 15.19
N LEU B 261 -19.47 -6.99 15.91
CA LEU B 261 -20.71 -6.55 16.54
C LEU B 261 -20.43 -5.52 17.64
N ASP B 262 -19.33 -5.71 18.39
CA ASP B 262 -18.96 -4.72 19.40
C ASP B 262 -18.74 -3.36 18.73
N VAL B 263 -18.09 -3.34 17.57
CA VAL B 263 -17.88 -2.09 16.87
C VAL B 263 -19.19 -1.45 16.42
N TRP B 264 -20.04 -2.24 15.80
CA TRP B 264 -21.29 -1.70 15.27
C TRP B 264 -22.20 -1.20 16.38
N ARG B 265 -22.12 -1.81 17.56
CA ARG B 265 -22.88 -1.34 18.71
C ARG B 265 -22.51 0.09 19.12
N LYS B 266 -21.32 0.54 18.77
CA LYS B 266 -20.97 1.92 19.01
C LYS B 266 -21.53 2.86 17.97
N TRP B 267 -22.00 2.31 16.85
CA TRP B 267 -22.48 3.10 15.72
C TRP B 267 -23.98 3.04 15.51
N ALA B 268 -24.67 2.19 16.27
CA ALA B 268 -26.05 1.87 15.98
C ALA B 268 -26.74 1.46 17.27
N SER B 269 -27.95 1.97 17.46
CA SER B 269 -28.65 1.69 18.71
C SER B 269 -29.48 0.39 18.74
N ASP B 270 -29.68 -0.25 17.57
CA ASP B 270 -30.49 -1.46 17.48
C ASP B 270 -29.83 -2.34 16.44
N VAL B 271 -28.79 -3.06 16.85
CA VAL B 271 -28.04 -3.87 15.90
C VAL B 271 -27.88 -5.29 16.40
N GLN B 272 -28.04 -6.25 15.48
CA GLN B 272 -27.82 -7.66 15.75
C GLN B 272 -26.78 -8.08 14.75
N GLY B 273 -26.10 -9.19 15.00
CA GLY B 273 -25.06 -9.58 14.10
C GLY B 273 -24.57 -10.98 14.34
N ALA B 274 -23.79 -11.48 13.37
CA ALA B 274 -23.23 -12.83 13.49
C ALA B 274 -22.12 -13.05 12.49
N PRO B 275 -21.09 -13.82 12.89
CA PRO B 275 -20.11 -14.32 11.92
C PRO B 275 -20.71 -15.51 11.17
N ILE B 276 -20.25 -15.67 9.94
CA ILE B 276 -20.55 -16.84 9.11
C ILE B 276 -19.21 -17.37 8.60
N GLU B 277 -19.05 -18.69 8.52
CA GLU B 277 -17.78 -19.23 7.99
C GLU B 277 -17.67 -18.91 6.49
N SER B 278 -16.74 -18.02 6.18
CA SER B 278 -16.61 -17.42 4.87
C SER B 278 -15.44 -16.45 4.91
N GLY B 279 -14.84 -16.19 3.75
CA GLY B 279 -14.01 -14.99 3.55
C GLY B 279 -14.88 -13.75 3.33
N ALA B 280 -14.31 -12.78 2.62
CA ALA B 280 -14.92 -11.45 2.49
C ALA B 280 -15.99 -11.33 1.42
N PHE B 281 -16.39 -12.44 0.80
CA PHE B 281 -17.43 -12.42 -0.23
C PHE B 281 -18.65 -13.23 0.21
N LEU B 282 -19.26 -12.84 1.32
CA LEU B 282 -20.34 -13.63 1.93
C LEU B 282 -21.41 -14.11 0.98
N PRO B 283 -21.98 -13.21 0.14
CA PRO B 283 -23.10 -13.69 -0.66
C PRO B 283 -22.76 -14.77 -1.73
N GLU B 284 -21.47 -14.88 -2.03
CA GLU B 284 -21.01 -15.90 -2.98
C GLU B 284 -20.34 -17.07 -2.30
N GLU B 285 -19.63 -16.83 -1.21
CA GLU B 285 -19.00 -17.95 -0.50
C GLU B 285 -19.94 -18.72 0.41
N ALA B 286 -20.92 -18.03 0.97
CA ALA B 286 -21.84 -18.68 1.89
C ALA B 286 -23.23 -18.18 1.58
N PRO B 287 -23.74 -18.51 0.38
CA PRO B 287 -25.02 -17.92 -0.04
C PRO B 287 -26.21 -18.40 0.78
N ASP B 288 -26.22 -19.68 1.16
CA ASP B 288 -27.37 -20.18 1.92
C ASP B 288 -27.51 -19.52 3.28
N GLN B 289 -26.38 -19.46 3.99
CA GLN B 289 -26.37 -18.84 5.31
C GLN B 289 -26.67 -17.34 5.23
N THR B 290 -26.11 -16.70 4.21
CA THR B 290 -26.34 -15.25 4.02
C THR B 290 -27.80 -14.98 3.70
N ALA B 291 -28.36 -15.70 2.74
CA ALA B 291 -29.76 -15.51 2.38
C ALA B 291 -30.66 -15.79 3.57
N GLU B 292 -30.41 -16.87 4.31
CA GLU B 292 -31.24 -17.22 5.44
C GLU B 292 -31.25 -16.10 6.47
N ALA B 293 -30.07 -15.56 6.73
CA ALA B 293 -29.94 -14.50 7.74
C ALA B 293 -30.65 -13.21 7.30
N LEU B 294 -30.47 -12.85 6.03
CA LEU B 294 -31.16 -11.68 5.47
C LEU B 294 -32.67 -11.83 5.41
N VAL B 295 -33.17 -12.99 4.96
CA VAL B 295 -34.62 -13.19 4.91
C VAL B 295 -35.23 -13.10 6.30
N ARG B 296 -34.57 -13.73 7.25
CA ARG B 296 -35.08 -13.74 8.61
C ARG B 296 -35.10 -12.33 9.19
N PHE B 297 -34.05 -11.56 8.91
CA PHE B 297 -33.96 -10.23 9.49
C PHE B 297 -34.98 -9.28 8.85
N PHE B 298 -35.04 -9.27 7.53
CA PHE B 298 -35.94 -8.34 6.83
C PHE B 298 -37.42 -8.70 6.97
N SER B 299 -37.74 -9.98 7.24
CA SER B 299 -39.12 -10.41 7.42
C SER B 299 -39.56 -10.06 8.83
C10 A1ES3 C . 13.36 2.91 2.20
C01 A1ES3 C . 10.27 5.46 -2.10
C02 A1ES3 C . 10.65 4.88 -0.88
C03 A1ES3 C . 11.76 5.42 -0.19
C04 A1ES3 C . 12.44 6.51 -0.70
C05 A1ES3 C . 12.04 7.09 -1.90
C06 A1ES3 C . 10.99 6.56 -2.60
C07 A1ES3 C . 10.62 7.20 -3.92
C08 A1ES3 C . 12.12 4.82 1.14
C09 A1ES3 C . 13.30 3.88 1.05
F11 A1ES3 C . 9.36 6.97 -4.18
F12 A1ES3 C . 11.36 6.76 -4.93
F13 A1ES3 C . 10.76 8.51 -3.86
O14 A1ES3 C . 12.38 2.12 2.29
O15 A1ES3 C . 14.33 2.89 3.00
C10 A1ES3 D . -14.09 -2.21 0.94
C01 A1ES3 D . -11.96 -7.55 -0.82
C02 A1ES3 D . -12.56 -6.60 0.01
C03 A1ES3 D . -12.06 -5.31 0.03
C04 A1ES3 D . -10.98 -4.95 -0.77
C05 A1ES3 D . -10.37 -5.91 -1.61
C06 A1ES3 D . -10.88 -7.21 -1.62
C07 A1ES3 D . -10.25 -8.27 -2.51
C08 A1ES3 D . -12.70 -4.26 0.95
C09 A1ES3 D . -13.85 -3.55 0.29
F11 A1ES3 D . -10.76 -8.31 -3.72
F12 A1ES3 D . -10.34 -9.48 -1.96
F13 A1ES3 D . -8.93 -8.01 -2.67
O14 A1ES3 D . -15.21 -1.98 1.49
O15 A1ES3 D . -13.19 -1.35 0.91
#